data_3C9Z
#
_entry.id   3C9Z
#
_cell.length_a   126.124
_cell.length_b   126.124
_cell.length_c   76.039
_cell.angle_alpha   90.00
_cell.angle_beta   90.00
_cell.angle_gamma   90.00
#
_symmetry.space_group_name_H-M   'I 41 2 2'
#
loop_
_entity.id
_entity.type
_entity.pdbx_description
1 polymer 'Agglutinin II'
2 branched alpha-L-fucopyranose-(1-3)-[2-acetamido-2-deoxy-beta-D-glucopyranose-(1-4)]2-acetamido-2-deoxy-beta-D-glucopyranose
3 branched 2-acetamido-2-deoxy-beta-D-glucopyranose-(1-4)-2-acetamido-2-deoxy-beta-D-glucopyranose
4 non-polymer 2-acetamido-2-deoxy-beta-D-glucopyranose
5 non-polymer 'SULFATE ION'
6 non-polymer 'ACETATE ION'
7 water water
#
_entity_poly.entity_id   1
_entity_poly.type   'polypeptide(L)'
_entity_poly.pdbx_seq_one_letter_code
;TSFTRNIVGRDGLCVDVRNGYDTDGTPLQLWPCGTQRNQRWTFDSDDTIRSMGKCMTANGLNNGSNIVIFNCSTAAENAI
KWEVPIDGSIINPSSGLVMTAPRAASRTILLLEDNIYAASQGWTVTNNVKPIVASIVGYKEMCLQSNGENNGVWMEDCEA
TSLQQQWALYGDRTIRVNSTRGLCVTTNGYNSKDLIIILKCQGLPSQRWFFNSDGAIVNPKSRLVMDVRASNVSLREIII
FPATGNPNQQWVTQVLPS
;
_entity_poly.pdbx_strand_id   A
#
# COMPACT_ATOMS: atom_id res chain seq x y z
N THR A 1 -25.88 0.27 5.27
CA THR A 1 -24.95 -0.88 5.52
C THR A 1 -23.89 -1.00 4.43
N SER A 2 -24.10 -0.35 3.29
CA SER A 2 -23.12 -0.41 2.21
C SER A 2 -22.55 0.97 1.87
N PHE A 3 -21.33 0.99 1.33
CA PHE A 3 -20.70 2.23 0.88
C PHE A 3 -19.79 1.92 -0.32
N THR A 4 -19.51 2.95 -1.11
CA THR A 4 -18.85 2.71 -2.42
C THR A 4 -17.58 3.56 -2.50
N ARG A 5 -16.50 2.95 -3.01
CA ARG A 5 -15.18 3.58 -3.04
C ARG A 5 -14.40 3.06 -4.26
N ASN A 6 -13.30 3.73 -4.62
CA ASN A 6 -12.30 3.09 -5.49
C ASN A 6 -11.38 2.19 -4.65
N ILE A 7 -10.61 1.32 -5.34
CA ILE A 7 -9.58 0.56 -4.62
C ILE A 7 -8.28 0.88 -5.34
N VAL A 8 -7.35 1.53 -4.64
CA VAL A 8 -6.11 1.98 -5.29
C VAL A 8 -4.99 1.04 -4.85
N GLY A 9 -4.16 0.63 -5.78
CA GLY A 9 -3.04 -0.28 -5.45
C GLY A 9 -1.79 0.07 -6.17
N ARG A 10 -1.07 -0.97 -6.63
CA ARG A 10 0.27 -0.82 -7.21
C ARG A 10 0.43 0.37 -8.11
N ASP A 11 1.44 1.20 -7.81
CA ASP A 11 1.85 2.33 -8.63
C ASP A 11 0.72 3.38 -8.68
N GLY A 12 -0.28 3.29 -7.80
CA GLY A 12 -1.33 4.27 -7.77
C GLY A 12 -2.45 4.00 -8.78
N LEU A 13 -2.40 2.85 -9.44
CA LEU A 13 -3.50 2.45 -10.37
C LEU A 13 -4.69 1.84 -9.56
N CYS A 14 -5.84 1.70 -10.19
CA CYS A 14 -7.01 1.22 -9.53
C CYS A 14 -7.44 -0.15 -10.01
N VAL A 15 -8.20 -0.83 -9.13
CA VAL A 15 -8.85 -2.10 -9.45
C VAL A 15 -9.97 -1.79 -10.43
N ASP A 16 -10.02 -2.49 -11.57
CA ASP A 16 -10.89 -2.13 -12.65
C ASP A 16 -11.41 -3.40 -13.30
N VAL A 17 -12.70 -3.49 -13.59
CA VAL A 17 -13.21 -4.65 -14.32
C VAL A 17 -12.89 -4.47 -15.81
N ARG A 18 -12.11 -5.40 -16.39
CA ARG A 18 -11.43 -5.18 -17.69
C ARG A 18 -12.40 -4.81 -18.82
N ASN A 19 -12.15 -3.66 -19.47
CA ASN A 19 -12.98 -3.11 -20.56
C ASN A 19 -14.42 -2.76 -20.19
N GLY A 20 -14.72 -2.66 -18.89
CA GLY A 20 -16.07 -2.24 -18.46
C GLY A 20 -17.10 -3.36 -18.67
N TYR A 21 -16.67 -4.57 -19.03
CA TYR A 21 -17.62 -5.67 -19.24
C TYR A 21 -18.15 -6.22 -17.94
N ASP A 22 -19.46 -6.43 -17.83
CA ASP A 22 -20.04 -7.11 -16.67
C ASP A 22 -20.34 -8.57 -16.83
N THR A 23 -19.87 -9.14 -17.94
N THR A 23 -20.01 -9.14 -17.98
CA THR A 23 -20.05 -10.53 -18.19
CA THR A 23 -20.34 -10.52 -18.21
C THR A 23 -19.36 -11.37 -17.11
C THR A 23 -19.49 -11.34 -17.22
N ASP A 24 -20.07 -12.42 -16.67
CA ASP A 24 -19.51 -13.28 -15.62
C ASP A 24 -18.10 -13.75 -16.08
N GLY A 25 -17.15 -13.67 -15.15
CA GLY A 25 -15.82 -14.16 -15.44
C GLY A 25 -14.84 -13.12 -15.95
N THR A 26 -15.30 -11.88 -16.16
CA THR A 26 -14.38 -10.86 -16.66
C THR A 26 -13.30 -10.58 -15.58
N PRO A 27 -12.00 -10.51 -15.96
N PRO A 27 -11.99 -10.74 -15.91
CA PRO A 27 -11.00 -10.39 -14.94
CA PRO A 27 -10.90 -10.42 -14.98
C PRO A 27 -10.79 -8.96 -14.47
C PRO A 27 -10.97 -9.01 -14.39
N LEU A 28 -10.38 -8.88 -13.20
CA LEU A 28 -10.04 -7.58 -12.67
C LEU A 28 -8.58 -7.26 -13.08
N GLN A 29 -8.27 -6.00 -13.31
CA GLN A 29 -6.97 -5.52 -13.74
C GLN A 29 -6.63 -4.21 -13.04
N LEU A 30 -5.40 -3.74 -13.24
CA LEU A 30 -5.05 -2.37 -12.91
C LEU A 30 -5.34 -1.46 -14.09
N TRP A 31 -5.83 -0.26 -13.79
CA TRP A 31 -6.04 0.74 -14.83
C TRP A 31 -5.96 2.13 -14.15
N PRO A 32 -5.56 3.16 -14.90
CA PRO A 32 -5.54 4.48 -14.29
C PRO A 32 -6.85 4.86 -13.61
N CYS A 33 -6.77 5.48 -12.45
CA CYS A 33 -7.98 5.70 -11.66
C CYS A 33 -8.96 6.68 -12.29
N GLY A 34 -10.23 6.38 -12.13
CA GLY A 34 -11.29 7.32 -12.57
C GLY A 34 -12.60 6.95 -11.86
N THR A 35 -13.69 7.60 -12.34
CA THR A 35 -15.01 7.50 -11.77
C THR A 35 -15.90 6.50 -12.49
N GLN A 36 -15.37 5.82 -13.50
CA GLN A 36 -16.22 4.90 -14.24
C GLN A 36 -16.75 3.80 -13.35
N ARG A 37 -17.92 3.27 -13.66
CA ARG A 37 -18.60 2.33 -12.78
C ARG A 37 -17.85 1.02 -12.52
N ASN A 38 -17.02 0.59 -13.47
CA ASN A 38 -16.20 -0.61 -13.38
C ASN A 38 -14.97 -0.38 -12.48
N GLN A 39 -14.88 0.80 -11.86
CA GLN A 39 -13.83 1.02 -10.81
C GLN A 39 -14.50 1.41 -9.47
N ARG A 40 -15.83 1.37 -9.41
CA ARG A 40 -16.57 1.73 -8.19
C ARG A 40 -17.01 0.46 -7.49
N TRP A 41 -16.49 0.27 -6.26
CA TRP A 41 -16.68 -0.97 -5.54
C TRP A 41 -17.51 -0.68 -4.30
N THR A 42 -18.56 -1.48 -4.12
CA THR A 42 -19.51 -1.31 -2.98
C THR A 42 -19.25 -2.41 -1.95
N PHE A 43 -18.91 -1.99 -0.71
CA PHE A 43 -18.61 -2.90 0.38
C PHE A 43 -19.86 -3.02 1.22
N ASP A 44 -20.18 -4.26 1.56
CA ASP A 44 -21.47 -4.63 2.13
C ASP A 44 -21.19 -5.36 3.45
N SER A 45 -22.17 -5.40 4.35
N SER A 45 -22.20 -5.38 4.32
CA SER A 45 -22.00 -6.14 5.61
CA SER A 45 -22.19 -6.12 5.57
C SER A 45 -21.94 -7.67 5.47
C SER A 45 -21.86 -7.61 5.41
N ASP A 46 -22.26 -8.19 4.27
CA ASP A 46 -22.05 -9.61 4.01
C ASP A 46 -20.60 -9.92 3.50
N ASP A 47 -19.69 -8.94 3.59
CA ASP A 47 -18.27 -9.08 3.19
C ASP A 47 -18.05 -9.29 1.71
N THR A 48 -19.04 -8.93 0.92
CA THR A 48 -18.85 -8.90 -0.54
C THR A 48 -18.34 -7.52 -1.00
N ILE A 49 -17.75 -7.49 -2.19
CA ILE A 49 -17.23 -6.25 -2.74
C ILE A 49 -17.78 -6.29 -4.16
N ARG A 50 -18.62 -5.34 -4.52
CA ARG A 50 -19.42 -5.41 -5.76
C ARG A 50 -19.15 -4.27 -6.73
N SER A 51 -19.19 -4.57 -8.04
CA SER A 51 -19.15 -3.53 -9.07
C SER A 51 -20.18 -3.89 -10.12
N MET A 52 -20.95 -2.90 -10.58
CA MET A 52 -21.94 -3.11 -11.64
C MET A 52 -22.91 -4.21 -11.22
N GLY A 53 -23.18 -4.35 -9.92
CA GLY A 53 -24.14 -5.26 -9.32
C GLY A 53 -23.67 -6.70 -9.22
N LYS A 54 -22.39 -6.93 -9.53
CA LYS A 54 -21.80 -8.25 -9.43
C LYS A 54 -20.67 -8.29 -8.42
N CYS A 55 -20.19 -9.49 -8.09
CA CYS A 55 -19.24 -9.64 -7.01
C CYS A 55 -17.80 -9.82 -7.46
N MET A 56 -16.87 -9.20 -6.74
CA MET A 56 -15.47 -9.60 -6.85
C MET A 56 -15.38 -11.07 -6.38
N THR A 57 -14.85 -11.92 -7.27
CA THR A 57 -14.93 -13.39 -7.09
C THR A 57 -13.61 -14.05 -7.42
N ALA A 58 -13.09 -14.83 -6.47
CA ALA A 58 -11.92 -15.66 -6.79
C ALA A 58 -12.37 -16.75 -7.74
N ASN A 59 -11.72 -16.84 -8.91
CA ASN A 59 -12.03 -17.92 -9.84
C ASN A 59 -11.16 -19.09 -9.47
N GLY A 60 -11.52 -19.76 -8.38
CA GLY A 60 -10.64 -20.74 -7.71
C GLY A 60 -9.90 -20.12 -6.55
N LEU A 61 -9.53 -21.00 -5.64
CA LEU A 61 -8.94 -20.58 -4.37
C LEU A 61 -7.50 -21.10 -4.21
N ASN A 62 -6.76 -21.12 -5.29
CA ASN A 62 -5.41 -21.62 -5.33
C ASN A 62 -4.42 -20.45 -5.50
N ASN A 63 -3.18 -20.65 -5.12
CA ASN A 63 -2.15 -19.68 -5.40
C ASN A 63 -2.06 -19.43 -6.92
N GLY A 64 -2.27 -18.18 -7.33
CA GLY A 64 -2.29 -17.83 -8.75
C GLY A 64 -3.66 -17.77 -9.40
N SER A 65 -4.73 -18.12 -8.66
CA SER A 65 -6.06 -17.98 -9.20
C SER A 65 -6.38 -16.58 -9.60
N ASN A 66 -7.11 -16.42 -10.71
CA ASN A 66 -7.54 -15.11 -11.13
C ASN A 66 -8.70 -14.59 -10.35
N ILE A 67 -8.75 -13.27 -10.16
CA ILE A 67 -9.92 -12.62 -9.52
C ILE A 67 -10.76 -12.01 -10.65
N VAL A 68 -12.07 -12.22 -10.57
CA VAL A 68 -12.97 -11.83 -11.65
C VAL A 68 -14.24 -11.20 -11.10
N ILE A 69 -15.06 -10.68 -11.98
CA ILE A 69 -16.43 -10.30 -11.61
C ILE A 69 -17.39 -11.50 -11.85
N PHE A 70 -18.36 -11.70 -10.97
CA PHE A 70 -19.30 -12.81 -11.17
C PHE A 70 -20.57 -12.56 -10.41
N ASN A 71 -21.66 -13.10 -10.95
CA ASN A 71 -22.98 -13.02 -10.32
C ASN A 71 -22.85 -13.47 -8.86
N CYS A 72 -23.33 -12.63 -7.93
CA CYS A 72 -23.18 -12.91 -6.48
C CYS A 72 -23.96 -14.11 -6.00
N SER A 73 -25.10 -14.36 -6.62
CA SER A 73 -25.97 -15.42 -6.15
C SER A 73 -25.52 -16.79 -6.68
N THR A 74 -24.88 -16.82 -7.85
CA THR A 74 -24.44 -18.10 -8.42
C THR A 74 -23.00 -18.49 -8.11
N ALA A 75 -22.16 -17.51 -7.74
CA ALA A 75 -20.77 -17.79 -7.37
C ALA A 75 -20.70 -18.62 -6.09
N ALA A 76 -19.59 -19.32 -5.90
CA ALA A 76 -19.37 -20.05 -4.66
C ALA A 76 -19.26 -19.05 -3.47
N GLU A 77 -19.92 -19.34 -2.35
CA GLU A 77 -19.98 -18.43 -1.22
C GLU A 77 -18.56 -18.12 -0.72
N ASN A 78 -17.70 -19.14 -0.68
N ASN A 78 -17.70 -19.11 -0.61
CA ASN A 78 -16.32 -18.99 -0.20
CA ASN A 78 -16.38 -18.78 -0.10
C ASN A 78 -15.46 -18.10 -1.09
C ASN A 78 -15.57 -17.86 -1.04
N ALA A 79 -15.89 -17.91 -2.34
CA ALA A 79 -15.14 -17.15 -3.34
C ALA A 79 -15.50 -15.70 -3.41
N ILE A 80 -16.57 -15.26 -2.74
CA ILE A 80 -17.04 -13.92 -2.82
C ILE A 80 -16.89 -13.11 -1.55
N LYS A 81 -16.32 -13.72 -0.53
CA LYS A 81 -16.14 -13.01 0.75
C LYS A 81 -14.69 -12.47 0.84
N TRP A 82 -14.54 -11.23 1.33
CA TRP A 82 -13.26 -10.57 1.41
C TRP A 82 -13.21 -9.79 2.71
N GLU A 83 -12.04 -9.69 3.31
CA GLU A 83 -11.80 -8.73 4.42
C GLU A 83 -10.69 -7.79 4.04
N VAL A 84 -10.57 -6.70 4.81
CA VAL A 84 -9.64 -5.64 4.50
C VAL A 84 -8.78 -5.34 5.75
N PRO A 85 -7.71 -6.08 5.93
CA PRO A 85 -6.84 -5.89 7.09
C PRO A 85 -6.34 -4.47 7.16
N ILE A 86 -6.02 -4.04 8.40
CA ILE A 86 -5.63 -2.69 8.58
C ILE A 86 -4.33 -2.36 7.91
N ASP A 87 -3.48 -3.39 7.63
CA ASP A 87 -2.23 -3.11 6.93
C ASP A 87 -2.41 -2.97 5.40
N GLY A 88 -3.63 -3.03 4.90
CA GLY A 88 -3.91 -2.72 3.46
C GLY A 88 -3.95 -3.95 2.60
N SER A 89 -3.92 -5.14 3.13
CA SER A 89 -4.13 -6.35 2.31
C SER A 89 -5.63 -6.42 1.95
N ILE A 90 -5.95 -7.15 0.92
CA ILE A 90 -7.34 -7.56 0.72
C ILE A 90 -7.29 -9.07 0.67
N ILE A 91 -7.97 -9.72 1.64
CA ILE A 91 -7.78 -11.14 1.80
C ILE A 91 -9.06 -11.94 1.59
N ASN A 92 -8.93 -13.12 1.05
CA ASN A 92 -10.06 -14.03 0.96
C ASN A 92 -10.00 -14.94 2.20
N PRO A 93 -10.97 -14.83 3.12
CA PRO A 93 -10.82 -15.53 4.39
C PRO A 93 -10.70 -17.04 4.31
N SER A 94 -11.42 -17.65 3.37
CA SER A 94 -11.45 -19.11 3.27
C SER A 94 -10.06 -19.65 2.98
N SER A 95 -9.37 -19.01 2.03
CA SER A 95 -8.08 -19.49 1.53
C SER A 95 -6.87 -18.85 2.22
N GLY A 96 -7.06 -17.64 2.78
CA GLY A 96 -5.94 -16.87 3.34
C GLY A 96 -5.08 -16.24 2.29
N LEU A 97 -5.44 -16.40 1.00
CA LEU A 97 -4.67 -15.77 -0.04
C LEU A 97 -5.09 -14.32 -0.18
N VAL A 98 -4.20 -13.50 -0.77
CA VAL A 98 -4.44 -12.06 -0.89
C VAL A 98 -4.41 -11.55 -2.32
N MET A 99 -5.06 -10.42 -2.52
N MET A 99 -5.24 -10.59 -2.62
CA MET A 99 -5.08 -9.77 -3.85
CA MET A 99 -5.24 -10.01 -3.95
C MET A 99 -3.71 -9.26 -4.20
C MET A 99 -3.86 -9.37 -4.22
N THR A 100 -3.26 -9.64 -5.40
CA THR A 100 -1.91 -9.27 -5.78
C THR A 100 -1.88 -8.77 -7.19
N ALA A 101 -1.11 -7.68 -7.43
CA ALA A 101 -0.87 -7.15 -8.82
C ALA A 101 0.52 -7.63 -9.19
N PRO A 102 0.66 -8.63 -10.10
CA PRO A 102 1.98 -9.23 -10.32
C PRO A 102 2.97 -8.33 -11.07
N ARG A 103 2.46 -7.37 -11.82
CA ARG A 103 3.29 -6.39 -12.53
C ARG A 103 2.75 -5.01 -12.22
N ALA A 104 3.57 -3.96 -12.44
CA ALA A 104 3.08 -2.59 -12.20
C ALA A 104 2.19 -1.99 -13.34
N ALA A 105 2.23 -2.58 -14.50
CA ALA A 105 1.68 -1.98 -15.66
C ALA A 105 0.16 -1.94 -15.65
N SER A 106 -0.42 -0.90 -16.24
N SER A 106 -0.40 -0.91 -16.29
N SER A 106 -0.37 -0.92 -16.32
CA SER A 106 -1.85 -0.92 -16.60
CA SER A 106 -1.82 -0.92 -16.63
CA SER A 106 -1.74 -0.99 -16.75
C SER A 106 -2.12 -2.15 -17.40
C SER A 106 -2.12 -2.18 -17.45
C SER A 106 -2.02 -2.36 -17.31
N ARG A 107 -3.28 -2.77 -17.18
CA ARG A 107 -3.75 -4.01 -17.76
C ARG A 107 -3.18 -5.29 -17.13
N THR A 108 -2.37 -5.14 -16.08
N THR A 108 -2.34 -5.18 -16.11
CA THR A 108 -2.04 -6.30 -15.25
CA THR A 108 -1.99 -6.43 -15.40
C THR A 108 -3.29 -6.95 -14.66
C THR A 108 -3.22 -6.96 -14.69
N ILE A 109 -3.40 -8.26 -14.77
CA ILE A 109 -4.56 -8.98 -14.21
C ILE A 109 -4.29 -9.39 -12.77
N LEU A 110 -5.30 -9.17 -11.91
CA LEU A 110 -5.07 -9.42 -10.48
C LEU A 110 -5.28 -10.90 -10.10
N LEU A 111 -4.43 -11.37 -9.19
CA LEU A 111 -4.41 -12.78 -8.79
C LEU A 111 -4.51 -12.89 -7.29
N LEU A 112 -5.01 -14.03 -6.82
CA LEU A 112 -4.87 -14.43 -5.41
C LEU A 112 -3.57 -15.11 -5.26
N GLU A 113 -2.76 -14.70 -4.27
CA GLU A 113 -1.48 -15.36 -4.06
C GLU A 113 -1.15 -15.43 -2.60
N ASP A 114 -0.18 -16.28 -2.28
CA ASP A 114 0.35 -16.38 -0.91
C ASP A 114 0.75 -14.99 -0.45
N ASN A 115 0.39 -14.65 0.79
CA ASN A 115 0.72 -13.36 1.35
C ASN A 115 2.19 -13.32 1.69
N ILE A 116 2.96 -12.39 1.07
CA ILE A 116 4.37 -12.12 1.43
C ILE A 116 4.53 -10.66 1.86
N TYR A 117 3.39 -9.99 2.13
CA TYR A 117 3.40 -8.60 2.58
C TYR A 117 4.14 -7.73 1.57
N ALA A 118 3.94 -7.98 0.26
CA ALA A 118 4.62 -7.20 -0.74
C ALA A 118 3.88 -5.88 -0.98
N ALA A 119 4.57 -4.84 -1.47
CA ALA A 119 3.85 -3.64 -1.89
C ALA A 119 2.83 -3.97 -3.03
N SER A 120 3.12 -5.01 -3.85
CA SER A 120 2.16 -5.44 -4.90
C SER A 120 0.90 -6.10 -4.29
N GLN A 121 0.84 -6.21 -2.95
CA GLN A 121 -0.31 -6.78 -2.22
C GLN A 121 -0.92 -5.73 -1.27
N GLY A 122 -0.53 -4.47 -1.46
CA GLY A 122 -1.03 -3.36 -0.65
C GLY A 122 -2.09 -2.61 -1.46
N TRP A 123 -3.17 -2.22 -0.74
CA TRP A 123 -4.31 -1.57 -1.40
C TRP A 123 -4.95 -0.54 -0.44
N THR A 124 -5.61 0.47 -0.97
CA THR A 124 -6.28 1.45 -0.13
C THR A 124 -7.67 1.69 -0.67
N VAL A 125 -8.68 1.47 0.19
CA VAL A 125 -10.10 1.67 -0.17
C VAL A 125 -10.43 3.15 0.09
N THR A 126 -10.73 3.91 -0.97
CA THR A 126 -10.80 5.37 -0.82
C THR A 126 -11.52 6.03 -1.98
N ASN A 127 -12.07 7.23 -1.79
CA ASN A 127 -12.54 8.01 -2.93
C ASN A 127 -11.49 8.98 -3.47
N ASN A 128 -10.41 9.21 -2.72
CA ASN A 128 -9.32 10.08 -3.20
C ASN A 128 -8.34 9.21 -3.97
N VAL A 129 -8.31 9.35 -5.28
CA VAL A 129 -7.46 8.44 -6.08
C VAL A 129 -6.12 9.06 -6.40
N LYS A 130 -5.79 10.16 -5.75
CA LYS A 130 -4.45 10.73 -5.86
C LYS A 130 -3.63 10.49 -4.58
N PRO A 131 -2.32 10.26 -4.71
CA PRO A 131 -1.51 10.04 -3.50
C PRO A 131 -1.66 11.21 -2.53
N ILE A 132 -1.54 10.94 -1.22
CA ILE A 132 -1.57 12.02 -0.27
C ILE A 132 -0.14 12.56 -0.12
N VAL A 133 0.10 13.87 -0.17
CA VAL A 133 1.45 14.42 -0.08
C VAL A 133 1.65 15.12 1.26
N ALA A 134 2.64 14.67 2.03
CA ALA A 134 2.82 15.06 3.40
C ALA A 134 4.26 15.11 3.83
N SER A 135 4.55 15.89 4.87
N SER A 135 4.53 15.91 4.86
CA SER A 135 5.81 15.72 5.58
CA SER A 135 5.75 15.76 5.64
C SER A 135 5.60 14.72 6.70
C SER A 135 5.56 14.57 6.56
N ILE A 136 6.67 13.97 7.00
CA ILE A 136 6.65 12.96 8.04
C ILE A 136 7.52 13.47 9.19
N VAL A 137 6.88 13.88 10.28
CA VAL A 137 7.56 14.50 11.39
C VAL A 137 7.80 13.45 12.47
N GLY A 138 9.02 13.39 13.01
CA GLY A 138 9.37 12.38 14.03
C GLY A 138 10.18 12.95 15.14
N TYR A 139 11.22 12.22 15.53
CA TYR A 139 12.01 12.51 16.71
C TYR A 139 12.45 13.95 16.73
N LYS A 140 12.32 14.61 17.90
CA LYS A 140 12.77 15.99 18.11
C LYS A 140 12.04 16.95 17.22
N GLU A 141 10.87 16.56 16.75
CA GLU A 141 10.07 17.35 15.81
C GLU A 141 10.79 17.68 14.50
N MET A 142 11.64 16.74 14.10
N MET A 142 11.72 16.81 14.11
CA MET A 142 12.35 16.84 12.84
CA MET A 142 12.42 16.95 12.82
C MET A 142 11.51 16.25 11.72
C MET A 142 11.67 16.15 11.75
N CYS A 143 11.97 16.40 10.49
CA CYS A 143 11.28 15.84 9.35
C CYS A 143 12.14 14.78 8.66
N LEU A 144 11.48 13.70 8.24
CA LEU A 144 12.12 12.68 7.45
C LEU A 144 12.47 13.30 6.11
N GLN A 145 13.69 13.02 5.61
CA GLN A 145 14.11 13.65 4.36
C GLN A 145 14.81 12.65 3.45
N SER A 146 14.54 12.82 2.16
N SER A 146 14.47 12.64 2.15
CA SER A 146 15.21 12.09 1.12
CA SER A 146 15.22 11.79 1.23
C SER A 146 16.58 12.70 0.84
C SER A 146 16.45 12.57 0.72
N ASN A 147 17.51 11.83 0.44
CA ASN A 147 18.80 12.36 0.04
C ASN A 147 19.26 11.67 -1.25
N GLY A 148 18.30 11.31 -2.10
CA GLY A 148 18.55 10.75 -3.38
C GLY A 148 18.51 9.24 -3.42
N GLU A 149 18.30 8.73 -4.63
CA GLU A 149 18.33 7.31 -4.88
C GLU A 149 19.64 6.67 -4.34
N ASN A 150 19.48 5.52 -3.70
CA ASN A 150 20.55 4.67 -3.18
C ASN A 150 21.16 5.18 -1.91
N ASN A 151 20.56 6.23 -1.37
N ASN A 151 20.70 6.34 -1.40
CA ASN A 151 21.11 6.89 -0.23
CA ASN A 151 21.24 6.89 -0.16
C ASN A 151 20.19 6.79 1.00
C ASN A 151 20.26 6.67 0.99
N GLY A 152 20.77 6.81 2.20
CA GLY A 152 19.91 6.74 3.43
C GLY A 152 18.97 7.90 3.57
N VAL A 153 17.78 7.65 4.08
CA VAL A 153 16.94 8.76 4.53
C VAL A 153 17.48 9.25 5.89
N TRP A 154 17.14 10.47 6.32
CA TRP A 154 17.56 10.90 7.67
C TRP A 154 16.69 12.08 8.08
N MET A 155 16.89 12.53 9.32
CA MET A 155 16.09 13.61 9.90
C MET A 155 16.76 14.94 9.66
N GLU A 156 15.94 15.96 9.42
N GLU A 156 15.98 15.98 9.34
CA GLU A 156 16.44 17.31 9.30
CA GLU A 156 16.49 17.35 9.22
C GLU A 156 15.39 18.29 9.88
C GLU A 156 15.40 18.33 9.72
N ASP A 157 15.81 19.53 10.17
CA ASP A 157 14.87 20.55 10.63
C ASP A 157 13.78 20.71 9.56
N CYS A 158 12.50 20.74 9.96
CA CYS A 158 11.45 20.87 8.94
C CYS A 158 11.47 22.20 8.29
N GLU A 159 11.13 22.18 7.00
CA GLU A 159 11.03 23.44 6.30
C GLU A 159 10.05 23.26 5.13
N ALA A 160 9.09 24.19 5.11
CA ALA A 160 7.96 24.03 4.21
C ALA A 160 8.34 23.86 2.76
N THR A 161 9.44 24.55 2.35
CA THR A 161 10.05 24.56 1.00
C THR A 161 10.90 23.38 0.56
N SER A 162 11.34 22.47 1.49
CA SER A 162 12.23 21.34 1.11
C SER A 162 11.46 20.31 0.36
N LEU A 163 11.69 20.12 -0.94
CA LEU A 163 10.94 19.10 -1.66
C LEU A 163 11.36 17.71 -1.21
N GLN A 164 12.62 17.57 -0.72
CA GLN A 164 13.05 16.24 -0.31
C GLN A 164 12.43 15.86 1.03
N GLN A 165 11.68 16.79 1.68
CA GLN A 165 10.88 16.44 2.86
C GLN A 165 9.42 16.14 2.50
N GLN A 166 9.06 16.06 1.20
CA GLN A 166 7.70 15.88 0.76
C GLN A 166 7.53 14.48 0.23
N TRP A 167 6.59 13.74 0.84
CA TRP A 167 6.37 12.28 0.59
C TRP A 167 4.99 12.05 -0.01
N ALA A 168 4.92 11.23 -1.04
CA ALA A 168 3.67 10.85 -1.65
C ALA A 168 3.27 9.51 -1.04
N LEU A 169 2.14 9.44 -0.32
CA LEU A 169 1.67 8.25 0.31
C LEU A 169 0.73 7.52 -0.65
N TYR A 170 1.27 6.47 -1.30
CA TYR A 170 0.56 5.85 -2.43
C TYR A 170 -0.41 4.78 -1.92
N GLY A 171 -1.40 4.44 -2.74
CA GLY A 171 -2.39 3.49 -2.28
C GLY A 171 -1.87 2.08 -2.05
N ASP A 172 -0.76 1.72 -2.71
CA ASP A 172 -0.15 0.39 -2.48
C ASP A 172 0.70 0.38 -1.19
N ARG A 173 0.57 1.43 -0.31
CA ARG A 173 1.24 1.40 0.98
C ARG A 173 2.75 1.63 0.83
N THR A 174 3.15 2.25 -0.28
CA THR A 174 4.50 2.73 -0.41
C THR A 174 4.61 4.21 -0.03
N ILE A 175 5.82 4.61 0.34
CA ILE A 175 6.06 6.00 0.72
C ILE A 175 7.08 6.50 -0.29
N ARG A 176 6.60 7.35 -1.20
CA ARG A 176 7.43 7.73 -2.34
C ARG A 176 7.98 9.14 -2.30
N VAL A 177 9.11 9.37 -2.96
CA VAL A 177 9.68 10.70 -3.04
C VAL A 177 8.75 11.55 -3.89
N ASN A 178 8.15 12.62 -3.33
CA ASN A 178 7.07 13.26 -4.09
C ASN A 178 7.51 13.79 -5.44
N SER A 179 8.73 14.31 -5.49
CA SER A 179 9.24 14.91 -6.76
C SER A 179 9.77 13.85 -7.73
N THR A 180 9.91 12.62 -7.28
CA THR A 180 10.45 11.54 -8.12
C THR A 180 9.68 10.22 -7.77
N ARG A 181 8.47 10.08 -8.29
CA ARG A 181 7.56 9.07 -7.76
C ARG A 181 7.85 7.66 -8.15
N GLY A 182 8.92 7.42 -8.94
CA GLY A 182 9.41 6.06 -9.11
C GLY A 182 10.31 5.58 -8.00
N LEU A 183 10.57 6.42 -6.98
CA LEU A 183 11.49 6.07 -5.89
C LEU A 183 10.71 5.90 -4.58
N CYS A 184 11.10 4.90 -3.80
CA CYS A 184 10.32 4.30 -2.62
C CYS A 184 11.27 4.32 -1.40
N VAL A 185 10.73 4.64 -0.24
CA VAL A 185 11.38 4.31 1.01
C VAL A 185 11.46 2.78 1.13
N THR A 186 12.67 2.28 1.40
CA THR A 186 12.97 0.86 1.29
C THR A 186 13.90 0.44 2.42
N THR A 187 13.54 -0.62 3.14
CA THR A 187 14.51 -1.13 4.16
C THR A 187 15.51 -2.04 3.42
N ASN A 188 16.80 -1.94 3.77
CA ASN A 188 17.81 -2.72 3.08
C ASN A 188 17.99 -4.02 3.80
N GLY A 189 16.91 -4.75 4.05
CA GLY A 189 16.85 -6.06 4.63
C GLY A 189 15.77 -6.09 5.66
N TYR A 190 15.52 -7.25 6.23
CA TYR A 190 14.38 -7.46 7.15
C TYR A 190 14.84 -7.68 8.59
N ASN A 191 16.12 -7.41 8.90
CA ASN A 191 16.68 -7.63 10.23
C ASN A 191 16.77 -6.35 11.00
N SER A 192 16.66 -6.43 12.32
N SER A 192 16.83 -6.48 12.31
CA SER A 192 16.85 -5.25 13.16
CA SER A 192 16.95 -5.34 13.17
C SER A 192 18.19 -4.61 12.79
C SER A 192 18.25 -4.61 12.82
N LYS A 193 18.20 -3.29 12.80
CA LYS A 193 19.36 -2.45 12.44
C LYS A 193 19.63 -2.29 10.93
N ASP A 194 18.84 -2.91 10.06
CA ASP A 194 18.99 -2.68 8.64
C ASP A 194 18.59 -1.24 8.33
N LEU A 195 19.32 -0.67 7.38
CA LEU A 195 19.15 0.74 7.10
C LEU A 195 18.03 1.05 6.16
N ILE A 196 17.33 2.20 6.35
CA ILE A 196 16.26 2.62 5.43
C ILE A 196 16.87 3.59 4.45
N ILE A 197 16.59 3.31 3.15
CA ILE A 197 17.23 4.06 2.08
C ILE A 197 16.12 4.41 1.02
N ILE A 198 16.48 5.09 -0.06
CA ILE A 198 15.56 5.32 -1.18
C ILE A 198 16.02 4.40 -2.31
N LEU A 199 15.09 3.72 -2.98
N LEU A 199 15.09 3.57 -2.84
CA LEU A 199 15.47 2.84 -4.06
CA LEU A 199 15.32 2.66 -3.98
C LEU A 199 14.32 2.93 -5.04
C LEU A 199 14.16 2.59 -5.00
N LYS A 200 14.49 2.46 -6.28
CA LYS A 200 13.45 2.39 -7.28
C LYS A 200 12.34 1.45 -6.79
N CYS A 201 11.11 1.92 -6.88
CA CYS A 201 9.97 1.07 -6.48
C CYS A 201 9.91 -0.20 -7.33
N GLN A 202 9.75 -1.35 -6.68
CA GLN A 202 9.78 -2.67 -7.34
C GLN A 202 8.68 -3.57 -6.77
N GLY A 203 7.78 -3.01 -5.94
CA GLY A 203 6.69 -3.83 -5.47
C GLY A 203 7.08 -4.72 -4.27
N LEU A 204 8.25 -4.53 -3.67
CA LEU A 204 8.81 -5.49 -2.70
C LEU A 204 8.26 -5.36 -1.30
N PRO A 205 8.35 -6.45 -0.52
CA PRO A 205 7.99 -6.31 0.91
C PRO A 205 8.82 -5.33 1.70
N SER A 206 10.00 -5.04 1.21
CA SER A 206 10.90 -4.08 1.81
C SER A 206 10.41 -2.62 1.60
N GLN A 207 9.40 -2.46 0.73
CA GLN A 207 8.94 -1.14 0.32
C GLN A 207 7.50 -0.88 0.80
N ARG A 208 6.96 -1.80 1.61
CA ARG A 208 5.62 -1.65 2.11
C ARG A 208 5.65 -1.21 3.59
N TRP A 209 4.77 -0.24 3.93
CA TRP A 209 4.72 0.42 5.23
C TRP A 209 3.27 0.56 5.69
N PHE A 210 3.12 0.63 7.00
CA PHE A 210 1.81 0.82 7.59
C PHE A 210 1.95 1.84 8.72
N PHE A 211 1.13 2.86 8.75
CA PHE A 211 1.07 3.86 9.86
C PHE A 211 0.06 3.31 10.88
N ASN A 212 0.56 2.82 12.02
CA ASN A 212 -0.35 2.19 13.00
C ASN A 212 -0.87 3.23 14.03
N SER A 213 -1.67 2.78 14.97
CA SER A 213 -2.38 3.74 15.86
C SER A 213 -1.45 4.27 16.98
N ASP A 214 -0.32 3.61 17.18
CA ASP A 214 0.68 4.00 18.18
C ASP A 214 1.71 5.02 17.66
N GLY A 215 1.53 5.53 16.44
CA GLY A 215 2.51 6.52 15.91
C GLY A 215 3.72 5.85 15.26
N ALA A 216 3.74 4.52 15.12
CA ALA A 216 4.85 3.84 14.47
C ALA A 216 4.61 3.73 12.98
N ILE A 217 5.72 3.58 12.23
CA ILE A 217 5.62 3.27 10.77
C ILE A 217 6.23 1.87 10.63
N VAL A 218 5.32 0.91 10.42
CA VAL A 218 5.67 -0.49 10.50
C VAL A 218 5.97 -1.07 9.14
N ASN A 219 6.99 -1.92 9.03
CA ASN A 219 7.20 -2.79 7.87
C ASN A 219 6.55 -4.16 8.12
N PRO A 220 5.42 -4.46 7.46
CA PRO A 220 4.70 -5.67 7.92
C PRO A 220 5.54 -6.98 7.81
N LYS A 221 6.32 -7.18 6.76
CA LYS A 221 7.04 -8.44 6.63
C LYS A 221 7.99 -8.61 7.81
N SER A 222 8.83 -7.60 8.13
CA SER A 222 9.77 -7.78 9.22
C SER A 222 9.17 -7.72 10.59
N ARG A 223 8.05 -7.00 10.70
CA ARG A 223 7.34 -6.61 11.94
C ARG A 223 7.96 -5.38 12.55
N LEU A 224 9.08 -4.93 12.00
CA LEU A 224 9.93 -3.89 12.66
C LEU A 224 9.49 -2.47 12.21
N VAL A 225 9.87 -1.46 12.94
CA VAL A 225 9.37 -0.13 12.77
C VAL A 225 10.50 0.87 12.47
N MET A 226 10.20 1.97 11.76
N MET A 226 10.11 2.03 11.91
CA MET A 226 11.28 2.92 11.50
CA MET A 226 11.07 3.09 11.64
C MET A 226 11.70 3.51 12.84
C MET A 226 11.65 3.68 12.91
N ASP A 227 12.99 3.84 12.97
CA ASP A 227 13.64 4.19 14.24
C ASP A 227 14.81 5.08 13.93
N VAL A 228 14.89 6.23 14.59
CA VAL A 228 16.06 7.08 14.44
C VAL A 228 17.18 6.42 15.29
N ARG A 229 18.22 5.89 14.61
CA ARG A 229 19.21 5.01 15.27
C ARG A 229 19.79 5.64 16.50
N ALA A 230 19.73 4.89 17.62
CA ALA A 230 20.36 5.31 18.90
C ALA A 230 19.83 6.67 19.41
N SER A 231 18.63 7.06 18.95
CA SER A 231 18.05 8.36 19.28
C SER A 231 19.12 9.46 19.04
N ASN A 232 19.86 9.33 17.94
CA ASN A 232 20.96 10.26 17.63
C ASN A 232 20.82 10.78 16.22
N VAL A 233 20.25 11.96 16.10
CA VAL A 233 19.96 12.49 14.77
C VAL A 233 21.23 12.73 13.96
N SER A 234 22.31 13.07 14.66
CA SER A 234 23.58 13.36 13.99
C SER A 234 24.18 12.13 13.30
N LEU A 235 23.79 10.90 13.69
CA LEU A 235 24.25 9.71 12.97
C LEU A 235 23.73 9.71 11.54
N ARG A 236 22.59 10.38 11.32
CA ARG A 236 21.92 10.36 10.00
C ARG A 236 21.68 8.97 9.47
N GLU A 237 21.11 8.14 10.36
CA GLU A 237 20.75 6.75 10.06
C GLU A 237 19.36 6.46 10.63
N ILE A 238 18.46 6.08 9.75
CA ILE A 238 17.13 5.62 10.19
C ILE A 238 17.18 4.14 9.89
N ILE A 239 16.78 3.29 10.86
CA ILE A 239 16.86 1.81 10.71
C ILE A 239 15.47 1.24 10.94
N ILE A 240 15.30 -0.07 10.70
CA ILE A 240 14.15 -0.75 11.29
C ILE A 240 14.58 -1.39 12.62
N PHE A 241 13.66 -1.45 13.58
CA PHE A 241 13.98 -1.94 14.91
C PHE A 241 12.66 -2.37 15.57
N PRO A 242 12.68 -3.31 16.54
CA PRO A 242 11.41 -3.66 17.16
C PRO A 242 10.73 -2.45 17.82
N ALA A 243 9.40 -2.46 17.83
CA ALA A 243 8.64 -1.37 18.40
C ALA A 243 8.91 -1.26 19.90
N THR A 244 9.30 -0.06 20.36
CA THR A 244 9.55 0.19 21.78
C THR A 244 8.63 1.25 22.35
N GLY A 245 7.91 1.98 21.53
CA GLY A 245 7.10 3.10 22.02
C GLY A 245 7.93 4.34 22.33
N ASN A 246 9.25 4.30 22.12
CA ASN A 246 10.15 5.42 22.52
C ASN A 246 10.02 6.59 21.52
N PRO A 247 10.39 7.81 21.95
CA PRO A 247 10.27 8.98 21.08
C PRO A 247 10.93 8.83 19.68
N ASN A 248 12.04 8.09 19.60
CA ASN A 248 12.77 7.90 18.36
C ASN A 248 12.03 7.02 17.34
N GLN A 249 10.85 6.51 17.73
CA GLN A 249 10.04 5.69 16.82
C GLN A 249 8.63 6.24 16.59
N GLN A 250 8.42 7.50 17.02
CA GLN A 250 7.13 8.15 16.92
C GLN A 250 7.09 9.07 15.71
N TRP A 251 6.03 8.96 14.90
CA TRP A 251 5.93 9.75 13.66
C TRP A 251 4.50 10.23 13.49
N VAL A 252 4.35 11.35 12.79
N VAL A 252 4.35 11.36 12.78
CA VAL A 252 3.05 11.73 12.29
CA VAL A 252 3.05 11.99 12.48
C VAL A 252 3.20 12.32 10.93
C VAL A 252 3.08 12.57 11.06
N THR A 253 2.13 12.23 10.17
CA THR A 253 2.07 12.86 8.86
C THR A 253 1.44 14.23 8.99
N GLN A 254 1.99 15.18 8.24
CA GLN A 254 1.42 16.51 8.20
C GLN A 254 1.22 16.88 6.77
N VAL A 255 -0.02 17.00 6.38
CA VAL A 255 -0.33 17.27 4.99
C VAL A 255 0.26 18.60 4.54
N LEU A 256 0.71 18.63 3.31
CA LEU A 256 1.31 19.84 2.73
C LEU A 256 0.33 20.58 1.85
N PRO A 257 0.50 21.92 1.69
CA PRO A 257 -0.37 22.69 0.80
C PRO A 257 -0.04 22.49 -0.67
#